data_6W04
#
_entry.id   6W04
#
_cell.length_a   100.910
_cell.length_b   100.910
_cell.length_c   45.240
_cell.angle_alpha   90.000
_cell.angle_beta   90.000
_cell.angle_gamma   120.000
#
_symmetry.space_group_name_H-M   'P 63'
#
loop_
_entity.id
_entity.type
_entity.pdbx_description
1 polymer 'HAD hydrolase, family IA, variant 3'
2 non-polymer 'MAGNESIUM ION'
3 non-polymer 1,2-ETHANEDIOL
4 non-polymer 'SULFATE ION'
5 water water
#
_entity_poly.entity_id   1
_entity_poly.type   'polypeptide(L)'
_entity_poly.pdbx_seq_one_letter_code
;MEAVLFDFNGTLIFDTPLHAFCWKEMAKRIRGTPLSEDEFKLLNGRTNKQLIEHILNKEISDEDAKKYAEEKENLYRTML
MKSDIKLCDGAINLFEALKKCNIPFTIATSSDWGNVQVFIQKYHLEEWFDIDKIIFNDFTFKGKPAPDIYLKASKKLGVS
ISHCIVFEDTISGIHSALSAGATPIGIASEMTVNELLQIKGCNLAIHTFNEITIEEMVDLIKNKGHHHHHH
;
_entity_poly.pdbx_strand_id   A
#
# COMPACT_ATOMS: atom_id res chain seq x y z
N MET A 1 8.63 -20.71 3.30
CA MET A 1 8.28 -19.29 3.41
C MET A 1 8.92 -18.69 4.66
N GLU A 2 9.67 -17.60 4.47
CA GLU A 2 10.40 -17.00 5.58
C GLU A 2 9.71 -15.79 6.17
N ALA A 3 8.90 -15.07 5.40
CA ALA A 3 8.26 -13.86 5.91
C ALA A 3 7.08 -13.50 5.02
N VAL A 4 6.23 -12.64 5.55
CA VAL A 4 5.15 -12.00 4.81
C VAL A 4 5.35 -10.49 4.88
N LEU A 5 5.29 -9.83 3.74
CA LEU A 5 5.44 -8.37 3.69
C LEU A 5 4.11 -7.81 3.22
N PHE A 6 3.42 -7.07 4.10
CA PHE A 6 2.14 -6.46 3.74
C PHE A 6 2.30 -5.02 3.27
N ASP A 7 1.77 -4.73 2.08
CA ASP A 7 1.47 -3.34 1.74
C ASP A 7 0.35 -2.85 2.64
N PHE A 8 0.21 -1.53 2.80
CA PHE A 8 -0.82 -1.05 3.72
C PHE A 8 -2.01 -0.44 2.97
N ASN A 9 -1.84 0.71 2.30
CA ASN A 9 -2.95 1.37 1.62
C ASN A 9 -3.48 0.52 0.48
N GLY A 10 -4.79 0.27 0.49
CA GLY A 10 -5.43 -0.53 -0.54
C GLY A 10 -5.29 -2.02 -0.34
N THR A 11 -4.47 -2.45 0.62
CA THR A 11 -4.22 -3.85 0.90
C THR A 11 -4.70 -4.22 2.30
N LEU A 12 -4.18 -3.58 3.35
CA LEU A 12 -4.66 -3.83 4.71
C LEU A 12 -5.86 -2.98 5.08
N ILE A 13 -6.02 -1.81 4.47
CA ILE A 13 -7.25 -1.03 4.58
C ILE A 13 -7.71 -0.64 3.17
N PHE A 14 -9.03 -0.64 2.94
CA PHE A 14 -9.54 -0.31 1.61
C PHE A 14 -9.85 1.19 1.59
N ASP A 15 -8.78 2.00 1.49
CA ASP A 15 -8.90 3.45 1.61
C ASP A 15 -8.83 4.17 0.27
N THR A 16 -8.84 3.44 -0.84
CA THR A 16 -8.81 4.16 -2.12
C THR A 16 -9.98 5.14 -2.29
N PRO A 17 -11.23 4.80 -1.97
CA PRO A 17 -12.30 5.81 -2.11
C PRO A 17 -12.03 7.07 -1.32
N LEU A 18 -11.47 6.92 -0.11
CA LEU A 18 -11.14 8.10 0.69
C LEU A 18 -10.06 8.95 0.01
N HIS A 19 -9.00 8.31 -0.53
CA HIS A 19 -8.02 9.08 -1.29
C HIS A 19 -8.67 9.82 -2.45
N ALA A 20 -9.61 9.16 -3.16
CA ALA A 20 -10.31 9.82 -4.26
C ALA A 20 -11.08 11.04 -3.78
N PHE A 21 -11.80 10.92 -2.64
CA PHE A 21 -12.52 12.07 -2.08
C PHE A 21 -11.60 13.22 -1.77
N CYS A 22 -10.45 12.92 -1.15
CA CYS A 22 -9.51 13.97 -0.77
C CYS A 22 -8.92 14.65 -1.99
N TRP A 23 -8.60 13.90 -3.05
CA TRP A 23 -8.10 14.59 -4.24
C TRP A 23 -9.21 15.37 -4.94
N LYS A 24 -10.44 14.88 -4.89
CA LYS A 24 -11.53 15.63 -5.50
C LYS A 24 -11.77 16.92 -4.75
N GLU A 25 -11.75 16.85 -3.43
CA GLU A 25 -11.90 18.05 -2.62
C GLU A 25 -10.76 19.03 -2.88
N MET A 26 -9.52 18.53 -3.01
CA MET A 26 -8.39 19.42 -3.28
C MET A 26 -8.52 20.08 -4.64
N ALA A 27 -8.90 19.31 -5.65
CA ALA A 27 -9.19 19.89 -6.95
C ALA A 27 -10.21 21.01 -6.85
N LYS A 28 -11.29 20.79 -6.08
CA LYS A 28 -12.32 21.81 -5.97
C LYS A 28 -11.76 23.07 -5.31
N ARG A 29 -10.95 22.89 -4.27
CA ARG A 29 -10.40 24.02 -3.54
C ARG A 29 -9.47 24.83 -4.43
N ILE A 30 -8.67 24.14 -5.23
CA ILE A 30 -7.58 24.78 -5.98
C ILE A 30 -8.06 25.32 -7.31
N ARG A 31 -8.70 24.47 -8.10
CA ARG A 31 -9.13 24.91 -9.43
C ARG A 31 -10.59 25.29 -9.50
N GLY A 32 -11.38 25.02 -8.45
CA GLY A 32 -12.78 25.41 -8.45
C GLY A 32 -13.75 24.32 -8.87
N THR A 33 -13.26 23.17 -9.31
CA THR A 33 -14.12 22.05 -9.69
C THR A 33 -13.43 20.77 -9.23
N PRO A 34 -14.19 19.81 -8.71
CA PRO A 34 -13.60 18.52 -8.32
C PRO A 34 -13.18 17.72 -9.55
N LEU A 35 -12.30 16.75 -9.33
CA LEU A 35 -11.99 15.78 -10.39
C LEU A 35 -13.25 14.99 -10.73
N SER A 36 -13.49 14.77 -12.03
CA SER A 36 -14.56 13.87 -12.40
C SER A 36 -14.15 12.42 -12.11
N GLU A 37 -15.14 11.52 -12.15
CA GLU A 37 -14.83 10.10 -11.99
C GLU A 37 -13.87 9.62 -13.07
N ASP A 38 -14.03 10.13 -14.29
CA ASP A 38 -13.13 9.77 -15.38
C ASP A 38 -11.73 10.33 -15.15
N GLU A 39 -11.62 11.58 -14.69
CA GLU A 39 -10.29 12.09 -14.35
C GLU A 39 -9.61 11.20 -13.32
N PHE A 40 -10.32 10.85 -12.24
CA PHE A 40 -9.64 10.12 -11.19
C PHE A 40 -9.26 8.71 -11.64
N LYS A 41 -10.07 8.07 -12.49
CA LYS A 41 -9.69 6.79 -13.05
C LYS A 41 -8.39 6.90 -13.84
N LEU A 42 -8.25 7.96 -14.63
CA LEU A 42 -7.02 8.20 -15.37
C LEU A 42 -5.83 8.42 -14.42
N LEU A 43 -6.06 9.11 -13.31
CA LEU A 43 -4.94 9.57 -12.50
C LEU A 43 -4.57 8.61 -11.38
N ASN A 44 -5.49 7.70 -11.00
CA ASN A 44 -5.25 6.85 -9.85
C ASN A 44 -3.97 6.04 -10.07
N GLY A 45 -3.06 6.11 -9.12
CA GLY A 45 -1.78 5.47 -9.21
C GLY A 45 -0.63 6.42 -9.50
N ARG A 46 -0.92 7.64 -9.98
CA ARG A 46 0.17 8.58 -10.23
C ARG A 46 0.69 9.13 -8.90
N THR A 47 1.84 9.80 -8.94
CA THR A 47 2.40 10.35 -7.71
C THR A 47 1.55 11.53 -7.23
N ASN A 48 1.79 11.93 -5.97
CA ASN A 48 1.11 13.12 -5.48
C ASN A 48 1.46 14.31 -6.36
N LYS A 49 2.72 14.40 -6.80
CA LYS A 49 3.12 15.53 -7.61
C LYS A 49 2.34 15.57 -8.91
N GLN A 50 2.18 14.40 -9.55
CA GLN A 50 1.45 14.35 -10.82
C GLN A 50 0.00 14.75 -10.63
N LEU A 51 -0.59 14.38 -9.49
CA LEU A 51 -1.98 14.77 -9.23
C LEU A 51 -2.10 16.29 -9.12
N ILE A 52 -1.21 16.91 -8.34
CA ILE A 52 -1.28 18.36 -8.16
C ILE A 52 -1.02 19.08 -9.47
N GLU A 53 -0.03 18.59 -10.23
CA GLU A 53 0.24 19.17 -11.54
C GLU A 53 -0.97 19.05 -12.47
N HIS A 54 -1.69 17.93 -12.42
CA HIS A 54 -2.92 17.83 -13.19
C HIS A 54 -3.92 18.90 -12.77
N ILE A 55 -4.10 19.08 -11.47
CA ILE A 55 -5.10 20.01 -10.94
C ILE A 55 -4.73 21.45 -11.30
N LEU A 56 -3.46 21.82 -11.17
CA LEU A 56 -3.00 23.14 -11.60
C LEU A 56 -2.88 23.25 -13.11
N ASN A 57 -2.86 22.12 -13.82
CA ASN A 57 -2.50 22.06 -15.24
C ASN A 57 -1.16 22.72 -15.50
N LYS A 58 -0.17 22.36 -14.69
CA LYS A 58 1.16 22.94 -14.85
C LYS A 58 2.18 22.09 -14.11
N GLU A 59 3.31 21.83 -14.74
CA GLU A 59 4.41 21.18 -14.04
C GLU A 59 4.93 22.12 -12.96
N ILE A 60 5.25 21.56 -11.79
CA ILE A 60 5.74 22.39 -10.67
C ILE A 60 7.01 21.77 -10.09
N SER A 61 7.63 22.50 -9.18
CA SER A 61 8.84 22.03 -8.51
C SER A 61 8.50 21.00 -7.44
N ASP A 62 9.51 20.19 -7.10
CA ASP A 62 9.34 19.24 -6.00
C ASP A 62 8.87 19.96 -4.74
N GLU A 63 9.39 21.16 -4.48
CA GLU A 63 9.05 21.83 -3.24
C GLU A 63 7.60 22.36 -3.26
N ASP A 64 7.15 22.87 -4.41
CA ASP A 64 5.72 23.16 -4.57
C ASP A 64 4.90 21.91 -4.32
N ALA A 65 5.33 20.78 -4.91
CA ALA A 65 4.53 19.55 -4.80
C ALA A 65 4.40 19.12 -3.35
N LYS A 66 5.49 19.17 -2.59
CA LYS A 66 5.42 18.71 -1.19
C LYS A 66 4.39 19.50 -0.40
N LYS A 67 4.29 20.81 -0.64
CA LYS A 67 3.35 21.66 0.11
C LYS A 67 1.90 21.29 -0.16
N TYR A 68 1.52 21.15 -1.43
CA TYR A 68 0.13 20.77 -1.70
C TYR A 68 -0.10 19.32 -1.38
N ALA A 69 0.90 18.46 -1.57
CA ALA A 69 0.72 17.08 -1.15
C ALA A 69 0.46 17.01 0.34
N GLU A 70 1.16 17.82 1.12
CA GLU A 70 0.92 17.76 2.56
C GLU A 70 -0.47 18.29 2.91
N GLU A 71 -0.98 19.29 2.17
CA GLU A 71 -2.37 19.71 2.37
C GLU A 71 -3.33 18.55 2.09
N LYS A 72 -3.12 17.82 0.98
CA LYS A 72 -3.97 16.69 0.70
C LYS A 72 -3.84 15.61 1.77
N GLU A 73 -2.62 15.34 2.23
CA GLU A 73 -2.45 14.28 3.22
C GLU A 73 -3.01 14.66 4.57
N ASN A 74 -2.94 15.94 4.94
CA ASN A 74 -3.60 16.40 6.15
C ASN A 74 -5.12 16.15 6.07
N LEU A 75 -5.73 16.44 4.92
CA LEU A 75 -7.15 16.15 4.76
C LEU A 75 -7.42 14.64 4.88
N TYR A 76 -6.61 13.83 4.21
CA TYR A 76 -6.76 12.39 4.27
C TYR A 76 -6.65 11.85 5.70
N ARG A 77 -5.61 12.27 6.43
CA ARG A 77 -5.40 11.77 7.79
CA ARG A 77 -5.41 11.78 7.80
C ARG A 77 -6.58 12.10 8.69
N THR A 78 -7.11 13.32 8.55
CA THR A 78 -8.23 13.75 9.36
C THR A 78 -9.47 12.91 9.06
N MET A 79 -9.76 12.70 7.78
CA MET A 79 -10.90 11.88 7.38
C MET A 79 -10.73 10.43 7.82
N LEU A 80 -9.54 9.85 7.58
CA LEU A 80 -9.27 8.48 7.98
C LEU A 80 -9.49 8.28 9.47
N MET A 81 -8.97 9.19 10.30
CA MET A 81 -9.11 9.06 11.75
CA MET A 81 -9.11 9.06 11.75
C MET A 81 -10.58 9.03 12.16
N LYS A 82 -11.42 9.87 11.55
CA LYS A 82 -12.81 9.83 12.00
C LYS A 82 -13.65 8.82 11.24
N SER A 83 -13.12 8.22 10.16
CA SER A 83 -13.80 7.18 9.42
C SER A 83 -13.87 5.89 10.24
N ASP A 84 -14.66 4.92 9.75
CA ASP A 84 -14.71 3.60 10.38
C ASP A 84 -14.06 2.55 9.48
N ILE A 85 -13.19 2.98 8.58
CA ILE A 85 -12.44 2.02 7.77
C ILE A 85 -11.63 1.12 8.69
N LYS A 86 -11.83 -0.18 8.57
CA LYS A 86 -11.21 -1.18 9.44
C LYS A 86 -10.12 -1.93 8.67
N LEU A 87 -9.26 -2.62 9.43
CA LEU A 87 -8.34 -3.55 8.79
C LEU A 87 -9.12 -4.60 8.02
N CYS A 88 -8.61 -4.96 6.84
CA CYS A 88 -9.30 -5.86 5.92
C CYS A 88 -9.70 -7.15 6.63
N ASP A 89 -10.85 -7.70 6.22
CA ASP A 89 -11.34 -8.96 6.78
C ASP A 89 -10.24 -10.01 6.75
N GLY A 90 -10.11 -10.76 7.85
CA GLY A 90 -9.14 -11.83 7.93
C GLY A 90 -7.72 -11.40 8.24
N ALA A 91 -7.41 -10.10 8.14
CA ALA A 91 -6.04 -9.67 8.36
C ALA A 91 -5.55 -9.98 9.77
N ILE A 92 -6.33 -9.59 10.79
CA ILE A 92 -5.89 -9.81 12.17
C ILE A 92 -5.69 -11.29 12.42
N ASN A 93 -6.60 -12.13 11.91
CA ASN A 93 -6.45 -13.58 12.06
C ASN A 93 -5.14 -14.06 11.46
N LEU A 94 -4.80 -13.58 10.26
CA LEU A 94 -3.53 -13.96 9.66
C LEU A 94 -2.36 -13.51 10.52
N PHE A 95 -2.40 -12.27 11.02
CA PHE A 95 -1.36 -11.77 11.93
C PHE A 95 -1.13 -12.73 13.08
N GLU A 96 -2.21 -13.16 13.76
CA GLU A 96 -2.05 -14.05 14.91
C GLU A 96 -1.55 -15.42 14.48
N ALA A 97 -2.08 -15.95 13.37
CA ALA A 97 -1.65 -17.25 12.91
C ALA A 97 -0.18 -17.25 12.52
N LEU A 98 0.30 -16.15 11.94
CA LEU A 98 1.71 -16.05 11.54
C LEU A 98 2.63 -16.08 12.75
N LYS A 99 2.33 -15.28 13.77
CA LYS A 99 3.16 -15.29 14.98
C LYS A 99 3.16 -16.66 15.64
N LYS A 100 2.00 -17.33 15.67
CA LYS A 100 1.96 -18.67 16.26
C LYS A 100 2.88 -19.63 15.50
N CYS A 101 3.09 -19.40 14.22
CA CYS A 101 3.97 -20.23 13.41
C CYS A 101 5.41 -19.74 13.39
N ASN A 102 5.73 -18.67 14.14
CA ASN A 102 7.08 -18.10 14.17
C ASN A 102 7.51 -17.65 12.78
N ILE A 103 6.58 -17.10 12.00
CA ILE A 103 6.83 -16.55 10.68
C ILE A 103 6.81 -15.02 10.80
N PRO A 104 7.94 -14.35 10.67
CA PRO A 104 7.96 -12.89 10.79
C PRO A 104 7.20 -12.22 9.66
N PHE A 105 6.65 -11.05 9.97
CA PHE A 105 5.89 -10.29 8.99
C PHE A 105 5.98 -8.82 9.35
N THR A 106 5.87 -7.97 8.34
CA THR A 106 5.86 -6.54 8.62
C THR A 106 5.09 -5.83 7.52
N ILE A 107 4.93 -4.52 7.71
CA ILE A 107 4.27 -3.63 6.78
C ILE A 107 5.32 -2.83 6.01
N ALA A 108 5.09 -2.66 4.71
CA ALA A 108 5.81 -1.70 3.89
C ALA A 108 4.78 -0.79 3.25
N THR A 109 5.01 0.51 3.27
CA THR A 109 4.04 1.41 2.67
C THR A 109 4.79 2.54 1.99
N SER A 110 4.19 3.07 0.92
CA SER A 110 4.68 4.29 0.29
C SER A 110 4.33 5.53 1.09
N SER A 111 3.49 5.40 2.11
CA SER A 111 3.06 6.56 2.89
C SER A 111 4.25 7.19 3.61
N ASP A 112 4.20 8.52 3.76
CA ASP A 112 5.18 9.20 4.59
CA ASP A 112 5.16 9.23 4.60
C ASP A 112 4.85 8.98 6.08
N TRP A 113 5.74 9.46 6.95
CA TRP A 113 5.56 9.23 8.38
C TRP A 113 4.25 9.83 8.90
N GLY A 114 3.89 11.03 8.42
CA GLY A 114 2.62 11.63 8.84
C GLY A 114 1.45 10.66 8.80
N ASN A 115 1.30 9.97 7.67
CA ASN A 115 0.19 9.02 7.53
C ASN A 115 0.41 7.79 8.40
N VAL A 116 1.66 7.30 8.48
CA VAL A 116 1.94 6.09 9.26
C VAL A 116 1.62 6.31 10.73
N GLN A 117 1.92 7.52 11.24
CA GLN A 117 1.54 7.87 12.61
C GLN A 117 0.05 7.67 12.83
N VAL A 118 -0.77 8.08 11.86
CA VAL A 118 -2.21 7.89 11.99
C VAL A 118 -2.56 6.41 11.93
N PHE A 119 -1.94 5.66 11.00
CA PHE A 119 -2.19 4.22 10.89
C PHE A 119 -1.93 3.50 12.21
N ILE A 120 -0.76 3.75 12.82
CA ILE A 120 -0.42 3.12 14.09
C ILE A 120 -1.40 3.50 15.17
N GLN A 121 -1.69 4.80 15.27
CA GLN A 121 -2.63 5.31 16.27
C GLN A 121 -4.01 4.68 16.11
N LYS A 122 -4.55 4.72 14.88
CA LYS A 122 -5.95 4.30 14.66
C LYS A 122 -6.10 2.79 14.74
N TYR A 123 -5.13 2.04 14.22
CA TYR A 123 -5.30 0.61 14.12
C TYR A 123 -4.55 -0.18 15.20
N HIS A 124 -3.91 0.49 16.15
CA HIS A 124 -3.23 -0.21 17.26
C HIS A 124 -2.20 -1.21 16.73
N LEU A 125 -1.47 -0.78 15.70
CA LEU A 125 -0.58 -1.69 15.00
C LEU A 125 0.50 -2.28 15.89
N GLU A 126 0.86 -1.62 16.99
CA GLU A 126 1.83 -2.21 17.90
C GLU A 126 1.34 -3.51 18.52
N GLU A 127 0.05 -3.83 18.40
CA GLU A 127 -0.43 -5.14 18.89
C GLU A 127 0.24 -6.29 18.15
N TRP A 128 0.55 -6.10 16.85
CA TRP A 128 1.06 -7.18 16.01
C TRP A 128 2.40 -6.88 15.36
N PHE A 129 2.81 -5.61 15.32
CA PHE A 129 4.00 -5.17 14.58
C PHE A 129 4.98 -4.48 15.52
N ASP A 130 6.26 -4.81 15.37
CA ASP A 130 7.33 -3.98 15.92
C ASP A 130 7.35 -2.69 15.10
N ILE A 131 7.03 -1.56 15.74
CA ILE A 131 6.89 -0.29 15.01
C ILE A 131 8.19 0.09 14.33
N ASP A 132 9.34 -0.33 14.86
CA ASP A 132 10.62 0.02 14.26
C ASP A 132 10.93 -0.80 12.99
N LYS A 133 10.22 -1.89 12.73
CA LYS A 133 10.38 -2.68 11.51
C LYS A 133 9.34 -2.39 10.45
N ILE A 134 8.44 -1.44 10.69
CA ILE A 134 7.51 -0.99 9.64
C ILE A 134 8.31 -0.13 8.67
N ILE A 135 8.26 -0.47 7.38
CA ILE A 135 8.99 0.26 6.36
C ILE A 135 8.04 1.28 5.76
N PHE A 136 8.46 2.54 5.77
CA PHE A 136 7.66 3.61 5.18
C PHE A 136 8.58 4.54 4.39
N ASN A 137 7.96 5.46 3.65
CA ASN A 137 8.73 6.42 2.87
C ASN A 137 9.40 7.44 3.78
N ASP A 138 10.66 7.20 4.11
CA ASP A 138 11.47 8.18 4.81
C ASP A 138 12.49 8.82 3.90
N PHE A 139 12.27 8.74 2.58
CA PHE A 139 13.05 9.44 1.57
C PHE A 139 14.47 8.92 1.47
N THR A 140 14.69 7.67 1.86
CA THR A 140 16.01 7.06 1.76
C THR A 140 16.07 5.97 0.70
N PHE A 141 15.01 5.81 -0.11
CA PHE A 141 15.02 4.79 -1.14
C PHE A 141 14.05 5.20 -2.26
N LYS A 142 14.16 4.53 -3.39
CA LYS A 142 13.29 4.81 -4.52
C LYS A 142 11.97 4.08 -4.33
N GLY A 143 10.87 4.77 -4.63
CA GLY A 143 9.57 4.20 -4.43
C GLY A 143 9.19 3.18 -5.48
N LYS A 144 8.08 2.50 -5.23
CA LYS A 144 7.51 1.55 -6.17
C LYS A 144 7.32 2.22 -7.53
N PRO A 145 7.55 1.51 -8.63
CA PRO A 145 7.83 0.08 -8.75
C PRO A 145 9.27 -0.38 -8.47
N ALA A 146 10.17 0.51 -8.07
CA ALA A 146 11.52 0.05 -7.73
C ALA A 146 11.43 -1.04 -6.66
N PRO A 147 12.37 -2.00 -6.66
CA PRO A 147 12.36 -3.06 -5.64
C PRO A 147 12.72 -2.59 -4.24
N ASP A 148 13.25 -1.37 -4.09
CA ASP A 148 13.93 -0.98 -2.85
C ASP A 148 13.09 -1.24 -1.61
N ILE A 149 11.81 -0.86 -1.61
CA ILE A 149 11.04 -0.94 -0.38
C ILE A 149 10.92 -2.37 0.13
N TYR A 150 10.86 -3.36 -0.76
CA TYR A 150 10.68 -4.73 -0.28
C TYR A 150 12.00 -5.39 0.11
N LEU A 151 13.10 -5.06 -0.58
CA LEU A 151 14.42 -5.45 -0.09
C LEU A 151 14.67 -4.88 1.29
N LYS A 152 14.26 -3.63 1.51
CA LYS A 152 14.42 -3.00 2.81
C LYS A 152 13.65 -3.76 3.89
N ALA A 153 12.43 -4.17 3.57
CA ALA A 153 11.61 -4.90 4.54
C ALA A 153 12.19 -6.28 4.82
N SER A 154 12.63 -7.00 3.78
CA SER A 154 13.18 -8.33 4.03
C SER A 154 14.46 -8.25 4.84
N LYS A 155 15.32 -7.27 4.56
CA LYS A 155 16.54 -7.10 5.32
C LYS A 155 16.24 -6.74 6.78
N LYS A 156 15.19 -5.95 7.00
CA LYS A 156 14.79 -5.61 8.37
C LYS A 156 14.36 -6.84 9.15
N LEU A 157 13.68 -7.78 8.48
CA LEU A 157 13.28 -9.01 9.15
C LEU A 157 14.38 -10.07 9.16
N GLY A 158 15.49 -9.81 8.49
CA GLY A 158 16.60 -10.75 8.48
C GLY A 158 16.35 -12.00 7.66
N VAL A 159 15.55 -11.89 6.59
CA VAL A 159 15.13 -13.03 5.79
C VAL A 159 15.54 -12.80 4.34
N SER A 160 15.47 -13.86 3.56
CA SER A 160 15.79 -13.80 2.14
C SER A 160 14.55 -13.38 1.36
N ILE A 161 14.70 -12.38 0.48
CA ILE A 161 13.56 -11.79 -0.22
C ILE A 161 12.81 -12.84 -1.03
N SER A 162 13.53 -13.81 -1.60
CA SER A 162 12.88 -14.74 -2.50
C SER A 162 12.08 -15.79 -1.77
N HIS A 163 12.08 -15.80 -0.44
CA HIS A 163 11.18 -16.64 0.33
C HIS A 163 10.14 -15.79 1.06
N CYS A 164 9.86 -14.61 0.52
CA CYS A 164 8.86 -13.71 1.08
C CYS A 164 7.61 -13.68 0.21
N ILE A 165 6.46 -13.74 0.86
CA ILE A 165 5.18 -13.36 0.25
C ILE A 165 4.98 -11.86 0.42
N VAL A 166 4.52 -11.20 -0.66
CA VAL A 166 4.09 -9.82 -0.64
C VAL A 166 2.64 -9.75 -1.04
N PHE A 167 1.82 -9.10 -0.22
CA PHE A 167 0.43 -8.77 -0.54
C PHE A 167 0.39 -7.33 -1.06
N GLU A 168 -0.19 -7.13 -2.24
CA GLU A 168 -0.14 -5.83 -2.88
C GLU A 168 -1.43 -5.64 -3.66
N ASP A 169 -1.80 -4.36 -3.90
CA ASP A 169 -3.06 -4.04 -4.57
C ASP A 169 -2.91 -3.24 -5.86
N THR A 170 -1.69 -2.84 -6.24
CA THR A 170 -1.50 -2.02 -7.42
C THR A 170 -0.49 -2.66 -8.37
N ILE A 171 -0.53 -2.17 -9.61
CA ILE A 171 0.42 -2.60 -10.64
C ILE A 171 1.85 -2.30 -10.18
N SER A 172 2.11 -1.05 -9.78
N SER A 172 2.10 -1.06 -9.79
CA SER A 172 3.48 -0.70 -9.42
CA SER A 172 3.47 -0.69 -9.42
C SER A 172 3.95 -1.48 -8.20
C SER A 172 3.95 -1.47 -8.21
N GLY A 173 3.06 -1.75 -7.26
CA GLY A 173 3.46 -2.51 -6.08
C GLY A 173 3.70 -3.97 -6.38
N ILE A 174 2.91 -4.55 -7.28
CA ILE A 174 3.18 -5.92 -7.70
C ILE A 174 4.55 -5.99 -8.37
N HIS A 175 4.88 -4.98 -9.18
CA HIS A 175 6.16 -5.04 -9.88
C HIS A 175 7.34 -4.73 -8.98
N SER A 176 7.11 -3.94 -7.93
CA SER A 176 8.12 -3.79 -6.88
C SER A 176 8.45 -5.14 -6.27
N ALA A 177 7.42 -5.92 -5.91
CA ALA A 177 7.64 -7.24 -5.32
C ALA A 177 8.36 -8.16 -6.28
N LEU A 178 7.91 -8.19 -7.54
CA LEU A 178 8.54 -9.10 -8.51
C LEU A 178 9.99 -8.72 -8.77
N SER A 179 10.25 -7.41 -8.93
CA SER A 179 11.62 -6.98 -9.19
CA SER A 179 11.61 -6.96 -9.18
C SER A 179 12.54 -7.27 -8.02
N ALA A 180 11.99 -7.32 -6.80
CA ALA A 180 12.79 -7.67 -5.63
C ALA A 180 13.04 -9.17 -5.54
N GLY A 181 12.24 -9.98 -6.23
CA GLY A 181 12.37 -11.42 -6.16
C GLY A 181 11.38 -12.09 -5.21
N ALA A 182 10.48 -11.34 -4.59
CA ALA A 182 9.45 -11.91 -3.75
C ALA A 182 8.29 -12.46 -4.59
N THR A 183 7.38 -13.18 -3.94
CA THR A 183 6.23 -13.78 -4.62
C THR A 183 4.96 -13.02 -4.26
N PRO A 184 4.33 -12.33 -5.21
CA PRO A 184 3.20 -11.46 -4.86
C PRO A 184 1.86 -12.19 -4.92
N ILE A 185 0.98 -11.80 -4.01
CA ILE A 185 -0.42 -12.21 -4.00
C ILE A 185 -1.24 -10.93 -4.07
N GLY A 186 -2.09 -10.81 -5.09
CA GLY A 186 -2.84 -9.58 -5.28
C GLY A 186 -4.02 -9.51 -4.33
N ILE A 187 -4.31 -8.28 -3.88
CA ILE A 187 -5.51 -7.99 -3.10
C ILE A 187 -6.47 -7.22 -4.00
N ALA A 188 -7.66 -7.79 -4.23
CA ALA A 188 -8.60 -7.22 -5.20
C ALA A 188 -9.45 -6.09 -4.60
N SER A 189 -8.79 -5.06 -4.09
CA SER A 189 -9.54 -3.95 -3.53
C SER A 189 -10.01 -2.96 -4.59
N GLU A 190 -9.23 -2.78 -5.65
CA GLU A 190 -9.62 -1.93 -6.77
C GLU A 190 -9.60 -2.65 -8.09
N MET A 191 -8.57 -3.43 -8.37
CA MET A 191 -8.61 -4.36 -9.49
C MET A 191 -9.41 -5.60 -9.10
N THR A 192 -10.03 -6.22 -10.10
CA THR A 192 -10.66 -7.53 -9.90
C THR A 192 -9.59 -8.60 -9.71
N VAL A 193 -10.02 -9.77 -9.22
CA VAL A 193 -9.12 -10.91 -9.13
C VAL A 193 -8.54 -11.24 -10.51
N ASN A 194 -9.41 -11.28 -11.53
CA ASN A 194 -8.97 -11.65 -12.87
C ASN A 194 -8.04 -10.61 -13.47
N GLU A 195 -8.24 -9.34 -13.14
CA GLU A 195 -7.34 -8.31 -13.65
C GLU A 195 -5.96 -8.45 -13.04
N LEU A 196 -5.89 -8.78 -11.74
CA LEU A 196 -4.60 -8.99 -11.11
C LEU A 196 -3.91 -10.22 -11.66
N LEU A 197 -4.67 -11.27 -12.03
CA LEU A 197 -4.08 -12.48 -12.58
C LEU A 197 -3.51 -12.25 -13.97
N GLN A 198 -4.00 -11.24 -14.69
CA GLN A 198 -3.49 -10.92 -16.03
CA GLN A 198 -3.48 -10.97 -16.02
C GLN A 198 -2.08 -10.37 -16.01
N ILE A 199 -1.54 -10.04 -14.82
CA ILE A 199 -0.17 -9.52 -14.70
C ILE A 199 0.82 -10.67 -14.66
N LYS A 200 1.85 -10.59 -15.50
CA LYS A 200 2.85 -11.67 -15.56
C LYS A 200 3.61 -11.76 -14.24
N GLY A 201 3.58 -12.93 -13.61
CA GLY A 201 4.22 -13.13 -12.32
C GLY A 201 3.29 -13.02 -11.12
N CYS A 202 2.03 -12.64 -11.35
CA CYS A 202 1.00 -12.67 -10.30
C CYS A 202 0.13 -13.89 -10.58
N ASN A 203 0.17 -14.87 -9.69
CA ASN A 203 -0.49 -16.14 -9.96
C ASN A 203 -1.54 -16.49 -8.93
N LEU A 204 -1.83 -15.58 -8.01
CA LEU A 204 -2.90 -15.76 -7.04
C LEU A 204 -3.37 -14.37 -6.65
N ALA A 205 -4.68 -14.19 -6.60
CA ALA A 205 -5.25 -12.93 -6.10
C ALA A 205 -6.49 -13.27 -5.30
N ILE A 206 -6.77 -12.46 -4.28
CA ILE A 206 -7.87 -12.74 -3.36
C ILE A 206 -8.61 -11.45 -3.04
N HIS A 207 -9.83 -11.61 -2.53
CA HIS A 207 -10.63 -10.45 -2.14
C HIS A 207 -10.28 -9.99 -0.72
N THR A 208 -10.15 -10.92 0.21
CA THR A 208 -9.82 -10.62 1.60
C THR A 208 -8.86 -11.68 2.14
N PHE A 209 -8.31 -11.43 3.34
CA PHE A 209 -7.39 -12.41 3.90
C PHE A 209 -8.08 -13.65 4.45
N ASN A 210 -9.41 -13.67 4.51
CA ASN A 210 -10.13 -14.91 4.78
C ASN A 210 -9.89 -15.97 3.71
N GLU A 211 -9.43 -15.57 2.54
CA GLU A 211 -9.34 -16.46 1.39
C GLU A 211 -7.96 -17.05 1.20
N ILE A 212 -7.05 -16.83 2.13
CA ILE A 212 -5.68 -17.34 2.03
C ILE A 212 -5.34 -18.08 3.32
N THR A 213 -4.57 -19.16 3.19
CA THR A 213 -4.03 -19.90 4.34
C THR A 213 -2.51 -19.87 4.32
N ILE A 214 -1.92 -20.13 5.48
CA ILE A 214 -0.47 -20.29 5.57
C ILE A 214 0.01 -21.34 4.59
N GLU A 215 -0.73 -22.44 4.47
CA GLU A 215 -0.31 -23.55 3.62
C GLU A 215 -0.35 -23.16 2.15
N GLU A 216 -1.39 -22.42 1.74
CA GLU A 216 -1.44 -21.92 0.37
C GLU A 216 -0.24 -21.04 0.07
N MET A 217 0.14 -20.19 1.03
CA MET A 217 1.26 -19.27 0.83
C MET A 217 2.58 -19.99 0.77
N VAL A 218 2.78 -20.99 1.64
CA VAL A 218 4.01 -21.78 1.61
C VAL A 218 4.14 -22.48 0.27
N ASP A 219 3.05 -23.07 -0.21
CA ASP A 219 3.10 -23.82 -1.46
C ASP A 219 3.39 -22.92 -2.64
N LEU A 220 2.79 -21.72 -2.66
CA LEU A 220 3.04 -20.79 -3.74
C LEU A 220 4.53 -20.48 -3.90
N ILE A 221 5.25 -20.34 -2.77
CA ILE A 221 6.69 -20.09 -2.83
C ILE A 221 7.43 -21.33 -3.35
N LYS A 222 7.13 -22.50 -2.77
CA LYS A 222 7.79 -23.73 -3.20
C LYS A 222 7.59 -23.98 -4.69
N ASN A 223 6.45 -23.56 -5.24
CA ASN A 223 6.22 -23.62 -6.68
C ASN A 223 6.87 -22.44 -7.39
#